data_3AZ3
#
_entry.id   3AZ3
#
_cell.length_a   44.320
_cell.length_b   52.222
_cell.length_c   131.946
_cell.angle_alpha   90.000
_cell.angle_beta   90.000
_cell.angle_gamma   90.000
#
_symmetry.space_group_name_H-M   'P 21 21 21'
#
loop_
_entity.id
_entity.type
_entity.pdbx_description
1 polymer 'Vitamin D3 receptor'
2 non-polymer '(4S)-4-hydroxy-5-[4-(3-{4-[(3S)-3-hydroxy-4,4-dimethylpentyl]-3-methylphenyl}pentan-3-yl)-2-methylphenoxy]pentanoic acid'
3 water water
#
_entity_poly.entity_id   1
_entity_poly.type   'polypeptide(L)'
_entity_poly.pdbx_seq_one_letter_code
;LRPKLSEEQQRIIAILLDAHHKTYDPTYSDFCQFRPPVRVNDGGGSVTLELSQLSMLPHLADLVSYSIQKVIGFAKMIPG
FRDLTSEDQIVLLKSSAIEVIMLRSNESFTMDDMSWTCGNQDYKYRVSDVTKAGHSLELIEPLIKFQVGLKKLNLHEEEH
VLLMAICIVSPDRPGVQDAALIEAIQDRLSNTLQTYIRCRHPPPGSHLLYAKMIQKLADLRSLNEEHSKQYRCLSFQPEC
SMKLTPLVLEVFG
;
_entity_poly.pdbx_strand_id   A
#
# COMPACT_ATOMS: atom_id res chain seq x y z
N LEU A 1 3.81 20.18 -25.36
CA LEU A 1 3.93 19.02 -26.24
C LEU A 1 3.31 17.78 -25.63
N ARG A 2 2.63 16.98 -26.47
CA ARG A 2 2.01 15.73 -26.02
C ARG A 2 2.61 14.56 -26.81
N PRO A 3 3.89 14.15 -26.56
CA PRO A 3 4.45 13.01 -27.29
C PRO A 3 3.61 11.75 -27.08
N LYS A 4 3.63 10.87 -28.07
CA LYS A 4 2.88 9.62 -28.02
C LYS A 4 3.64 8.64 -27.16
N LEU A 5 2.91 7.69 -26.55
CA LEU A 5 3.54 6.62 -25.81
C LEU A 5 4.34 5.81 -26.82
N SER A 6 5.61 5.53 -26.52
CA SER A 6 6.47 4.70 -27.36
C SER A 6 5.95 3.24 -27.27
N GLU A 7 6.43 2.33 -28.14
CA GLU A 7 6.00 0.94 -28.04
C GLU A 7 6.51 0.33 -26.71
N GLU A 8 7.70 0.78 -26.25
CA GLU A 8 8.27 0.35 -24.98
C GLU A 8 7.36 0.78 -23.81
N GLN A 9 6.87 2.04 -23.81
CA GLN A 9 5.99 2.57 -22.76
C GLN A 9 4.64 1.83 -22.76
N GLN A 10 4.14 1.45 -23.95
CA GLN A 10 2.91 0.68 -24.13
C GLN A 10 3.12 -0.71 -23.54
N ARG A 11 4.32 -1.31 -23.79
CA ARG A 11 4.73 -2.62 -23.28
C ARG A 11 4.75 -2.59 -21.73
N ILE A 12 5.30 -1.50 -21.16
CA ILE A 12 5.41 -1.30 -19.70
C ILE A 12 4.03 -1.23 -19.10
N ILE A 13 3.10 -0.49 -19.74
CA ILE A 13 1.74 -0.35 -19.24
C ILE A 13 1.05 -1.74 -19.26
N ALA A 14 1.20 -2.48 -20.36
CA ALA A 14 0.60 -3.81 -20.53
C ALA A 14 1.12 -4.79 -19.48
N ILE A 15 2.43 -4.76 -19.21
CA ILE A 15 3.09 -5.63 -18.23
C ILE A 15 2.56 -5.33 -16.81
N LEU A 16 2.51 -4.05 -16.44
CA LEU A 16 2.02 -3.62 -15.11
C LEU A 16 0.55 -3.93 -14.90
N LEU A 17 -0.29 -3.72 -15.92
CA LEU A 17 -1.72 -4.05 -15.82
C LEU A 17 -1.86 -5.56 -15.62
N ASP A 18 -1.12 -6.36 -16.42
CA ASP A 18 -1.12 -7.84 -16.32
C ASP A 18 -0.63 -8.27 -14.93
N ALA A 19 0.40 -7.58 -14.41
CA ALA A 19 0.95 -7.87 -13.08
C ALA A 19 -0.12 -7.62 -12.00
N HIS A 20 -0.85 -6.50 -12.11
CA HIS A 20 -1.89 -6.19 -11.12
C HIS A 20 -3.02 -7.23 -11.20
N HIS A 21 -3.43 -7.57 -12.42
CA HIS A 21 -4.50 -8.55 -12.65
C HIS A 21 -4.17 -9.92 -12.09
N LYS A 22 -2.88 -10.27 -12.05
CA LYS A 22 -2.41 -11.54 -11.53
C LYS A 22 -2.17 -11.54 -10.00
N THR A 23 -2.12 -10.34 -9.38
CA THR A 23 -1.78 -10.19 -7.97
C THR A 23 -2.83 -9.51 -7.09
N TYR A 24 -3.93 -9.08 -7.69
CA TYR A 24 -5.00 -8.44 -6.96
C TYR A 24 -6.30 -9.16 -7.25
N ASP A 25 -6.92 -9.71 -6.20
CA ASP A 25 -8.20 -10.42 -6.30
C ASP A 25 -9.33 -9.44 -5.87
N PRO A 26 -10.09 -8.89 -6.85
CA PRO A 26 -11.17 -7.93 -6.52
C PRO A 26 -12.41 -8.55 -5.88
N THR A 27 -12.39 -9.88 -5.65
CA THR A 27 -13.48 -10.60 -5.02
C THR A 27 -13.18 -10.87 -3.55
N TYR A 28 -11.90 -10.70 -3.11
CA TYR A 28 -11.51 -10.89 -1.69
C TYR A 28 -11.83 -12.31 -1.24
N SER A 29 -11.65 -13.26 -2.16
CA SER A 29 -12.03 -14.66 -1.94
C SER A 29 -11.16 -15.44 -0.97
N ASP A 30 -9.98 -14.92 -0.62
CA ASP A 30 -9.09 -15.61 0.33
C ASP A 30 -9.29 -15.18 1.78
N PHE A 31 -10.06 -14.09 2.00
CA PHE A 31 -10.27 -13.49 3.32
C PHE A 31 -10.82 -14.45 4.38
N CYS A 32 -11.64 -15.44 3.98
CA CYS A 32 -12.17 -16.42 4.92
C CYS A 32 -11.06 -17.32 5.50
N GLN A 33 -9.84 -17.30 4.91
CA GLN A 33 -8.72 -18.11 5.35
C GLN A 33 -7.93 -17.45 6.47
N PHE A 34 -8.10 -16.14 6.64
CA PHE A 34 -7.37 -15.44 7.69
C PHE A 34 -7.97 -15.75 9.05
N ARG A 35 -7.21 -15.44 10.13
CA ARG A 35 -7.73 -15.55 11.50
C ARG A 35 -8.94 -14.61 11.58
N PRO A 36 -10.04 -15.07 12.18
CA PRO A 36 -11.27 -14.27 12.13
C PRO A 36 -11.21 -12.90 12.80
N PRO A 37 -11.93 -11.91 12.23
CA PRO A 37 -12.03 -10.60 12.89
C PRO A 37 -12.81 -10.78 14.19
N VAL A 38 -12.43 -10.02 15.20
CA VAL A 38 -13.11 -10.03 16.50
C VAL A 38 -13.36 -8.56 16.81
N ARG A 39 -14.64 -8.17 16.96
CA ARG A 39 -14.98 -6.79 17.24
C ARG A 39 -15.70 -6.76 18.59
N VAL A 40 -14.92 -6.44 19.63
CA VAL A 40 -15.34 -6.40 21.04
C VAL A 40 -15.93 -5.06 21.42
N ASN A 41 -16.55 -4.99 22.60
CA ASN A 41 -17.11 -3.75 23.13
C ASN A 41 -15.95 -2.82 23.43
N ASP A 42 -15.94 -1.67 22.74
CA ASP A 42 -14.93 -0.62 22.81
C ASP A 42 -15.48 0.66 22.18
N GLY A 43 -16.71 1.00 22.53
CA GLY A 43 -17.41 2.19 22.04
C GLY A 43 -16.63 3.47 22.23
N GLY A 44 -15.83 3.51 23.30
CA GLY A 44 -15.00 4.67 23.63
C GLY A 44 -13.62 4.66 23.04
N GLY A 45 -13.21 3.53 22.47
CA GLY A 45 -11.89 3.36 21.87
C GLY A 45 -10.76 3.47 22.88
N SER A 46 -10.97 2.89 24.08
CA SER A 46 -10.05 2.90 25.22
C SER A 46 -8.69 2.31 24.85
N VAL A 47 -7.60 3.10 24.99
CA VAL A 47 -6.22 2.65 24.65
C VAL A 47 -5.83 1.43 25.49
N THR A 48 -6.16 1.47 26.79
CA THR A 48 -5.85 0.38 27.71
C THR A 48 -6.55 -0.90 27.28
N LEU A 49 -7.86 -0.81 26.96
CA LEU A 49 -8.61 -1.99 26.54
C LEU A 49 -8.08 -2.51 25.20
N GLU A 50 -7.85 -1.61 24.23
CA GLU A 50 -7.34 -1.99 22.91
C GLU A 50 -6.03 -2.74 23.03
N LEU A 51 -5.10 -2.25 23.88
CA LEU A 51 -3.83 -2.96 24.06
C LEU A 51 -3.99 -4.29 24.78
N SER A 52 -4.95 -4.39 25.73
CA SER A 52 -5.14 -5.64 26.46
C SER A 52 -5.73 -6.72 25.57
N GLN A 53 -6.54 -6.34 24.58
CA GLN A 53 -7.21 -7.33 23.74
C GLN A 53 -6.61 -7.49 22.35
N LEU A 54 -6.30 -6.35 21.68
CA LEU A 54 -5.81 -6.32 20.29
C LEU A 54 -6.67 -7.26 19.42
N SER A 55 -7.99 -7.15 19.63
CA SER A 55 -9.02 -8.03 19.07
C SER A 55 -8.96 -8.19 17.55
N MET A 56 -8.68 -7.09 16.84
CA MET A 56 -8.59 -7.10 15.38
C MET A 56 -7.20 -7.36 14.82
N LEU A 57 -6.16 -7.45 15.68
CA LEU A 57 -4.80 -7.64 15.21
C LEU A 57 -4.52 -8.94 14.46
N PRO A 58 -4.93 -10.15 14.97
CA PRO A 58 -4.66 -11.37 14.17
C PRO A 58 -5.23 -11.30 12.76
N HIS A 59 -6.50 -10.82 12.60
CA HIS A 59 -7.12 -10.67 11.28
C HIS A 59 -6.40 -9.65 10.44
N LEU A 60 -6.17 -8.41 10.99
CA LEU A 60 -5.50 -7.36 10.23
C LEU A 60 -4.06 -7.70 9.88
N ALA A 61 -3.34 -8.43 10.75
CA ALA A 61 -1.96 -8.87 10.45
C ALA A 61 -1.97 -9.91 9.30
N ASP A 62 -2.97 -10.83 9.30
CA ASP A 62 -3.10 -11.78 8.21
C ASP A 62 -3.44 -11.04 6.92
N LEU A 63 -4.28 -9.99 7.00
CA LEU A 63 -4.64 -9.22 5.81
C LEU A 63 -3.44 -8.47 5.26
N VAL A 64 -2.67 -7.82 6.15
CA VAL A 64 -1.47 -7.08 5.74
C VAL A 64 -0.41 -8.04 5.19
N SER A 65 -0.22 -9.18 5.87
CA SER A 65 0.78 -10.16 5.44
C SER A 65 0.45 -10.68 4.04
N TYR A 66 -0.87 -10.98 3.79
CA TYR A 66 -1.36 -11.45 2.51
C TYR A 66 -1.09 -10.37 1.46
N SER A 67 -1.43 -9.12 1.79
CA SER A 67 -1.22 -7.97 0.90
C SER A 67 0.27 -7.80 0.56
N ILE A 68 1.16 -7.98 1.54
CA ILE A 68 2.62 -7.91 1.30
C ILE A 68 3.05 -9.00 0.31
N GLN A 69 2.52 -10.23 0.46
CA GLN A 69 2.84 -11.30 -0.50
C GLN A 69 2.48 -10.89 -1.92
N LYS A 70 1.28 -10.29 -2.08
CA LYS A 70 0.82 -9.85 -3.40
C LYS A 70 1.72 -8.71 -3.96
N VAL A 71 2.20 -7.82 -3.05
CA VAL A 71 3.08 -6.72 -3.41
C VAL A 71 4.43 -7.31 -3.90
N ILE A 72 4.96 -8.32 -3.19
CA ILE A 72 6.22 -8.98 -3.59
C ILE A 72 6.06 -9.54 -5.02
N GLY A 73 4.93 -10.24 -5.25
CA GLY A 73 4.59 -10.79 -6.55
C GLY A 73 4.50 -9.74 -7.64
N PHE A 74 3.85 -8.61 -7.35
CA PHE A 74 3.71 -7.49 -8.30
C PHE A 74 5.09 -6.90 -8.64
N ALA A 75 5.89 -6.63 -7.59
CA ALA A 75 7.21 -6.02 -7.73
C ALA A 75 8.12 -6.86 -8.64
N LYS A 76 8.05 -8.19 -8.53
CA LYS A 76 8.85 -9.09 -9.37
C LYS A 76 8.58 -8.91 -10.86
N MET A 77 7.39 -8.39 -11.22
CA MET A 77 6.95 -8.19 -12.60
C MET A 77 7.15 -6.76 -13.12
N ILE A 78 7.64 -5.84 -12.27
CA ILE A 78 7.92 -4.46 -12.70
C ILE A 78 9.15 -4.55 -13.63
N PRO A 79 9.06 -4.00 -14.87
CA PRO A 79 10.24 -4.06 -15.79
C PRO A 79 11.46 -3.42 -15.15
N GLY A 80 12.53 -4.20 -15.04
CA GLY A 80 13.78 -3.78 -14.45
C GLY A 80 14.02 -4.17 -13.00
N PHE A 81 12.94 -4.50 -12.23
CA PHE A 81 13.08 -4.88 -10.82
C PHE A 81 14.00 -6.09 -10.59
N ARG A 82 13.96 -7.08 -11.49
CA ARG A 82 14.77 -8.30 -11.39
C ARG A 82 16.26 -8.05 -11.71
N ASP A 83 16.58 -6.93 -12.40
CA ASP A 83 17.95 -6.52 -12.74
C ASP A 83 18.70 -6.02 -11.49
N LEU A 84 17.95 -5.51 -10.49
CA LEU A 84 18.51 -5.04 -9.24
C LEU A 84 19.04 -6.21 -8.42
N THR A 85 20.01 -5.94 -7.51
CA THR A 85 20.54 -6.98 -6.62
C THR A 85 19.43 -7.41 -5.66
N SER A 86 19.45 -8.67 -5.17
CA SER A 86 18.46 -9.18 -4.23
C SER A 86 18.49 -8.43 -2.89
N GLU A 87 19.64 -7.82 -2.55
CA GLU A 87 19.77 -7.00 -1.35
C GLU A 87 18.95 -5.68 -1.55
N ASP A 88 19.06 -5.08 -2.75
CA ASP A 88 18.34 -3.85 -3.12
C ASP A 88 16.84 -4.15 -3.28
N GLN A 89 16.50 -5.29 -3.92
CA GLN A 89 15.10 -5.73 -4.08
C GLN A 89 14.40 -5.81 -2.71
N ILE A 90 15.09 -6.41 -1.71
CA ILE A 90 14.60 -6.56 -0.34
C ILE A 90 14.48 -5.22 0.40
N VAL A 91 15.48 -4.34 0.23
CA VAL A 91 15.46 -3.03 0.87
C VAL A 91 14.22 -2.27 0.35
N LEU A 92 14.03 -2.26 -0.99
CA LEU A 92 12.88 -1.58 -1.62
C LEU A 92 11.55 -2.15 -1.17
N LEU A 93 11.43 -3.50 -1.13
CA LEU A 93 10.18 -4.12 -0.70
C LEU A 93 9.84 -3.84 0.76
N LYS A 94 10.82 -3.97 1.66
CA LYS A 94 10.59 -3.70 3.09
C LYS A 94 10.22 -2.24 3.39
N SER A 95 10.97 -1.30 2.79
CA SER A 95 10.74 0.13 3.00
C SER A 95 9.42 0.67 2.41
N SER A 96 8.94 0.12 1.28
CA SER A 96 7.69 0.57 0.65
C SER A 96 6.44 -0.23 1.04
N ALA A 97 6.60 -1.44 1.65
CA ALA A 97 5.46 -2.30 1.97
C ALA A 97 4.20 -1.58 2.46
N ILE A 98 4.31 -0.83 3.57
CA ILE A 98 3.11 -0.19 4.13
C ILE A 98 2.53 0.88 3.19
N GLU A 99 3.40 1.55 2.44
CA GLU A 99 2.95 2.58 1.49
C GLU A 99 2.15 1.94 0.35
N VAL A 100 2.67 0.85 -0.23
CA VAL A 100 1.98 0.17 -1.35
C VAL A 100 0.66 -0.39 -0.84
N ILE A 101 0.62 -0.89 0.41
CA ILE A 101 -0.61 -1.44 1.01
C ILE A 101 -1.65 -0.34 1.06
N MET A 102 -1.23 0.87 1.49
CA MET A 102 -2.14 2.00 1.57
C MET A 102 -2.63 2.36 0.17
N LEU A 103 -1.74 2.32 -0.84
CA LEU A 103 -2.16 2.58 -2.24
C LEU A 103 -3.12 1.53 -2.74
N ARG A 104 -2.75 0.25 -2.63
CA ARG A 104 -3.58 -0.82 -3.16
C ARG A 104 -4.91 -0.98 -2.45
N SER A 105 -4.97 -0.64 -1.12
CA SER A 105 -6.23 -0.70 -0.37
C SER A 105 -7.26 0.29 -0.91
N ASN A 106 -6.83 1.31 -1.70
CA ASN A 106 -7.72 2.30 -2.25
C ASN A 106 -8.75 1.70 -3.16
N GLU A 107 -8.41 0.60 -3.84
CA GLU A 107 -9.35 -0.06 -4.73
C GLU A 107 -10.64 -0.55 -4.00
N SER A 108 -10.52 -0.95 -2.71
CA SER A 108 -11.68 -1.41 -1.94
C SER A 108 -12.26 -0.31 -1.08
N PHE A 109 -11.56 0.82 -1.00
CA PHE A 109 -12.03 1.93 -0.22
C PHE A 109 -13.25 2.55 -0.88
N THR A 110 -14.21 2.95 -0.07
CA THR A 110 -15.41 3.60 -0.57
C THR A 110 -15.78 4.85 0.18
N MET A 111 -16.00 5.94 -0.56
CA MET A 111 -16.41 7.21 0.02
C MET A 111 -17.86 7.22 0.45
N ASP A 112 -18.64 6.16 0.07
CA ASP A 112 -20.04 6.01 0.47
C ASP A 112 -20.15 6.10 2.00
N ASP A 113 -19.25 5.40 2.69
CA ASP A 113 -19.22 5.40 4.16
C ASP A 113 -17.81 5.46 4.78
N MET A 114 -16.76 5.73 3.98
CA MET A 114 -15.36 5.84 4.46
C MET A 114 -14.85 4.52 5.04
N SER A 115 -15.21 3.43 4.39
CA SER A 115 -14.80 2.11 4.77
C SER A 115 -14.04 1.43 3.64
N TRP A 116 -13.34 0.34 3.96
CA TRP A 116 -12.72 -0.52 2.96
C TRP A 116 -13.68 -1.71 2.90
N THR A 117 -14.50 -1.77 1.85
CA THR A 117 -15.50 -2.86 1.71
C THR A 117 -14.93 -4.04 0.94
N CYS A 118 -14.57 -5.14 1.66
CA CYS A 118 -13.97 -6.33 1.06
C CYS A 118 -14.86 -7.56 1.04
N GLY A 119 -16.04 -7.44 0.46
CA GLY A 119 -16.99 -8.54 0.40
C GLY A 119 -18.02 -8.40 1.50
N ASN A 120 -18.30 -9.49 2.23
CA ASN A 120 -19.31 -9.44 3.29
C ASN A 120 -18.97 -8.50 4.44
N GLN A 121 -20.00 -8.16 5.25
CA GLN A 121 -19.94 -7.28 6.41
C GLN A 121 -18.79 -7.56 7.36
N ASP A 122 -18.42 -8.86 7.58
CA ASP A 122 -17.28 -9.20 8.46
C ASP A 122 -15.98 -8.59 7.92
N TYR A 123 -15.87 -8.45 6.59
CA TYR A 123 -14.69 -7.89 5.93
C TYR A 123 -14.92 -6.45 5.44
N LYS A 124 -15.77 -5.69 6.16
CA LYS A 124 -15.97 -4.28 5.89
C LYS A 124 -15.16 -3.63 7.01
N TYR A 125 -14.04 -3.03 6.67
CA TYR A 125 -13.16 -2.41 7.66
C TYR A 125 -13.33 -0.93 7.78
N ARG A 126 -13.28 -0.42 9.01
CA ARG A 126 -13.40 0.99 9.32
C ARG A 126 -12.25 1.41 10.22
N VAL A 127 -12.16 2.72 10.51
CA VAL A 127 -11.22 3.39 11.42
C VAL A 127 -11.20 2.62 12.76
N SER A 128 -12.41 2.29 13.29
CA SER A 128 -12.61 1.56 14.54
C SER A 128 -11.86 0.23 14.54
N ASP A 129 -11.71 -0.44 13.37
CA ASP A 129 -10.95 -1.71 13.30
C ASP A 129 -9.46 -1.51 13.48
N VAL A 130 -8.93 -0.39 12.95
CA VAL A 130 -7.51 -0.07 13.05
C VAL A 130 -7.18 0.31 14.49
N THR A 131 -8.12 0.98 15.20
CA THR A 131 -7.98 1.32 16.62
C THR A 131 -7.99 0.01 17.44
N LYS A 132 -8.80 -0.99 17.01
CA LYS A 132 -8.89 -2.31 17.68
C LYS A 132 -7.64 -3.16 17.46
N ALA A 133 -6.75 -2.70 16.54
CA ALA A 133 -5.45 -3.33 16.29
C ALA A 133 -4.32 -2.58 17.03
N GLY A 134 -4.69 -1.67 17.91
CA GLY A 134 -3.73 -0.93 18.74
C GLY A 134 -3.15 0.36 18.18
N HIS A 135 -3.80 0.94 17.15
CA HIS A 135 -3.31 2.19 16.54
C HIS A 135 -4.05 3.41 17.05
N SER A 136 -3.44 4.60 16.90
CA SER A 136 -4.02 5.85 17.37
C SER A 136 -4.47 6.76 16.25
N LEU A 137 -5.23 7.81 16.60
CA LEU A 137 -5.76 8.80 15.67
C LEU A 137 -4.68 9.54 14.85
N GLU A 138 -3.44 9.67 15.40
CA GLU A 138 -2.28 10.28 14.73
C GLU A 138 -1.97 9.54 13.40
N LEU A 139 -2.36 8.25 13.30
CA LEU A 139 -2.18 7.50 12.07
C LEU A 139 -3.48 7.47 11.25
N ILE A 140 -4.59 7.18 11.93
CA ILE A 140 -5.90 6.99 11.31
C ILE A 140 -6.48 8.20 10.59
N GLU A 141 -6.41 9.38 11.21
CA GLU A 141 -6.92 10.62 10.62
C GLU A 141 -6.20 10.89 9.28
N PRO A 142 -4.84 10.98 9.21
CA PRO A 142 -4.20 11.24 7.90
C PRO A 142 -4.43 10.08 6.92
N LEU A 143 -4.58 8.83 7.42
CA LEU A 143 -4.82 7.66 6.57
C LEU A 143 -6.15 7.83 5.81
N ILE A 144 -7.22 8.26 6.49
CA ILE A 144 -8.51 8.44 5.81
C ILE A 144 -8.45 9.63 4.88
N LYS A 145 -7.73 10.69 5.30
CA LYS A 145 -7.53 11.89 4.47
C LYS A 145 -6.84 11.48 3.16
N PHE A 146 -5.84 10.60 3.28
CA PHE A 146 -5.12 10.08 2.13
C PHE A 146 -6.05 9.27 1.21
N GLN A 147 -6.86 8.35 1.79
CA GLN A 147 -7.76 7.50 1.00
C GLN A 147 -8.77 8.33 0.19
N VAL A 148 -9.34 9.36 0.83
CA VAL A 148 -10.29 10.24 0.15
C VAL A 148 -9.61 11.03 -0.98
N GLY A 149 -8.46 11.64 -0.68
CA GLY A 149 -7.68 12.41 -1.64
C GLY A 149 -7.31 11.58 -2.86
N LEU A 150 -6.88 10.33 -2.63
CA LEU A 150 -6.47 9.42 -3.71
C LEU A 150 -7.71 9.02 -4.50
N LYS A 151 -8.81 8.68 -3.81
CA LYS A 151 -10.07 8.27 -4.44
C LYS A 151 -10.56 9.35 -5.38
N LYS A 152 -10.51 10.62 -4.93
CA LYS A 152 -10.97 11.79 -5.69
C LYS A 152 -10.18 12.05 -6.96
N LEU A 153 -8.95 11.51 -7.07
CA LEU A 153 -8.15 11.63 -8.29
C LEU A 153 -8.74 10.82 -9.45
N ASN A 154 -9.56 9.81 -9.13
CA ASN A 154 -10.22 8.93 -10.09
C ASN A 154 -9.20 8.39 -11.08
N LEU A 155 -8.13 7.77 -10.56
CA LEU A 155 -7.05 7.25 -11.39
C LEU A 155 -7.50 6.15 -12.31
N HIS A 156 -6.96 6.15 -13.52
CA HIS A 156 -7.19 5.09 -14.48
C HIS A 156 -6.38 3.93 -13.89
N GLU A 157 -6.76 2.70 -14.20
CA GLU A 157 -6.00 1.55 -13.71
C GLU A 157 -4.51 1.67 -14.11
N GLU A 158 -4.23 2.18 -15.33
CA GLU A 158 -2.86 2.38 -15.83
C GLU A 158 -2.06 3.29 -14.88
N GLU A 159 -2.70 4.36 -14.39
CA GLU A 159 -2.06 5.33 -13.49
C GLU A 159 -1.84 4.72 -12.11
N HIS A 160 -2.79 3.90 -11.67
CA HIS A 160 -2.78 3.25 -10.35
C HIS A 160 -1.61 2.26 -10.26
N VAL A 161 -1.42 1.43 -11.32
CA VAL A 161 -0.33 0.46 -11.38
C VAL A 161 1.02 1.14 -11.51
N LEU A 162 1.06 2.23 -12.32
CA LEU A 162 2.29 2.99 -12.47
C LEU A 162 2.68 3.63 -11.15
N LEU A 163 1.70 4.19 -10.42
CA LEU A 163 1.97 4.81 -9.12
C LEU A 163 2.53 3.81 -8.09
N MET A 164 1.97 2.59 -8.05
CA MET A 164 2.48 1.59 -7.12
C MET A 164 3.90 1.20 -7.50
N ALA A 165 4.18 1.06 -8.82
CA ALA A 165 5.50 0.68 -9.29
C ALA A 165 6.55 1.76 -8.96
N ILE A 166 6.19 3.05 -9.19
CA ILE A 166 7.08 4.18 -8.87
C ILE A 166 7.37 4.21 -7.34
N CYS A 167 6.35 3.95 -6.53
CA CYS A 167 6.47 3.91 -5.06
C CYS A 167 7.54 2.88 -4.64
N ILE A 168 7.44 1.65 -5.17
CA ILE A 168 8.34 0.55 -4.86
C ILE A 168 9.79 0.85 -5.27
N VAL A 169 9.99 1.27 -6.52
CA VAL A 169 11.30 1.50 -7.11
C VAL A 169 11.71 2.95 -6.81
N SER A 170 11.98 3.26 -5.52
CA SER A 170 12.37 4.61 -5.08
C SER A 170 13.85 4.63 -4.72
N PRO A 171 14.68 5.49 -5.36
CA PRO A 171 16.13 5.48 -5.05
C PRO A 171 16.49 6.09 -3.71
N ASP A 172 15.54 6.84 -3.12
CA ASP A 172 15.73 7.52 -1.85
C ASP A 172 15.13 6.74 -0.66
N ARG A 173 15.60 5.50 -0.49
CA ARG A 173 15.22 4.65 0.62
C ARG A 173 16.50 4.36 1.39
N PRO A 174 16.45 4.41 2.75
CA PRO A 174 17.66 4.09 3.54
C PRO A 174 18.17 2.67 3.29
N GLY A 175 19.47 2.57 3.04
CA GLY A 175 20.14 1.30 2.82
C GLY A 175 20.25 0.83 1.39
N VAL A 176 19.74 1.60 0.40
CA VAL A 176 19.89 1.20 -1.00
C VAL A 176 21.36 1.30 -1.43
N GLN A 177 21.78 0.45 -2.37
CA GLN A 177 23.15 0.47 -2.85
C GLN A 177 23.26 1.15 -4.20
N ASP A 178 22.60 0.58 -5.22
CA ASP A 178 22.64 1.12 -6.56
C ASP A 178 21.50 2.09 -6.82
N ALA A 179 21.55 3.26 -6.13
CA ALA A 179 20.54 4.32 -6.27
C ALA A 179 20.41 4.74 -7.73
N ALA A 180 21.54 4.81 -8.46
CA ALA A 180 21.53 5.20 -9.87
C ALA A 180 20.70 4.24 -10.75
N LEU A 181 20.83 2.92 -10.57
CA LEU A 181 20.06 1.93 -11.36
C LEU A 181 18.58 2.06 -10.97
N ILE A 182 18.31 2.16 -9.65
CA ILE A 182 16.94 2.32 -9.13
C ILE A 182 16.29 3.55 -9.74
N GLU A 183 17.02 4.71 -9.73
CA GLU A 183 16.52 5.96 -10.32
C GLU A 183 16.23 5.80 -11.81
N ALA A 184 17.10 5.09 -12.57
CA ALA A 184 16.90 4.84 -14.00
C ALA A 184 15.63 4.01 -14.23
N ILE A 185 15.36 3.05 -13.33
CA ILE A 185 14.15 2.22 -13.43
C ILE A 185 12.92 3.10 -13.13
N GLN A 186 12.98 3.91 -12.06
CA GLN A 186 11.90 4.81 -11.67
C GLN A 186 11.64 5.89 -12.73
N ASP A 187 12.72 6.48 -13.30
CA ASP A 187 12.55 7.49 -14.34
C ASP A 187 11.81 6.95 -15.56
N ARG A 188 12.09 5.68 -15.95
CA ARG A 188 11.43 5.00 -17.08
C ARG A 188 9.92 4.88 -16.79
N LEU A 189 9.58 4.55 -15.53
CA LEU A 189 8.21 4.43 -15.04
C LEU A 189 7.54 5.81 -14.98
N SER A 190 8.24 6.81 -14.40
CA SER A 190 7.71 8.18 -14.24
C SER A 190 7.43 8.85 -15.59
N ASN A 191 8.33 8.64 -16.57
CA ASN A 191 8.16 9.17 -17.92
C ASN A 191 6.95 8.57 -18.59
N THR A 192 6.71 7.25 -18.38
CA THR A 192 5.55 6.52 -18.93
C THR A 192 4.28 7.15 -18.36
N LEU A 193 4.21 7.35 -17.03
CA LEU A 193 3.08 7.97 -16.35
C LEU A 193 2.78 9.39 -16.85
N GLN A 194 3.79 10.25 -16.88
CA GLN A 194 3.62 11.64 -17.34
C GLN A 194 3.09 11.70 -18.80
N THR A 195 3.69 10.88 -19.69
CA THR A 195 3.31 10.73 -21.10
C THR A 195 1.89 10.21 -21.16
N TYR A 196 1.55 9.17 -20.35
CA TYR A 196 0.20 8.62 -20.30
C TYR A 196 -0.83 9.69 -19.91
N ILE A 197 -0.57 10.48 -18.82
CA ILE A 197 -1.52 11.50 -18.37
C ILE A 197 -1.81 12.53 -19.48
N ARG A 198 -0.74 13.08 -20.06
CA ARG A 198 -0.81 14.10 -21.11
C ARG A 198 -1.56 13.65 -22.36
N CYS A 199 -1.47 12.36 -22.75
CA CYS A 199 -2.15 11.89 -23.95
C CYS A 199 -3.42 11.06 -23.75
N ARG A 200 -3.64 10.48 -22.54
CA ARG A 200 -4.81 9.61 -22.31
C ARG A 200 -5.80 10.07 -21.25
N HIS A 201 -5.37 10.93 -20.32
CA HIS A 201 -6.27 11.39 -19.27
C HIS A 201 -7.03 12.64 -19.71
N PRO A 202 -8.34 12.51 -19.99
CA PRO A 202 -9.10 13.67 -20.47
C PRO A 202 -9.33 14.76 -19.41
N PRO A 203 -9.38 16.05 -19.82
CA PRO A 203 -9.60 17.12 -18.81
C PRO A 203 -11.03 17.14 -18.26
N PRO A 204 -11.30 17.67 -17.03
CA PRO A 204 -10.37 18.31 -16.08
C PRO A 204 -9.57 17.36 -15.20
N LEU A 208 -2.31 19.02 -13.91
CA LEU A 208 -1.85 19.03 -12.53
C LEU A 208 -1.93 17.61 -11.92
N LEU A 209 -2.47 16.62 -12.67
CA LEU A 209 -2.62 15.27 -12.13
C LEU A 209 -1.31 14.65 -11.73
N TYR A 210 -0.25 14.76 -12.57
CA TYR A 210 1.04 14.17 -12.23
C TYR A 210 1.59 14.76 -10.92
N ALA A 211 1.53 16.10 -10.76
CA ALA A 211 1.96 16.76 -9.54
C ALA A 211 1.12 16.28 -8.32
N LYS A 212 -0.20 16.04 -8.50
CA LYS A 212 -1.05 15.56 -7.40
C LYS A 212 -0.66 14.13 -6.99
N MET A 213 -0.30 13.29 -7.99
CA MET A 213 0.14 11.89 -7.76
C MET A 213 1.49 11.87 -7.03
N ILE A 214 2.41 12.81 -7.38
CA ILE A 214 3.72 12.98 -6.72
C ILE A 214 3.52 13.41 -5.26
N GLN A 215 2.55 14.33 -5.00
CA GLN A 215 2.24 14.76 -3.63
C GLN A 215 1.73 13.57 -2.81
N LYS A 216 0.94 12.69 -3.45
CA LYS A 216 0.47 11.48 -2.76
C LYS A 216 1.64 10.60 -2.32
N LEU A 217 2.70 10.49 -3.15
CA LEU A 217 3.91 9.74 -2.77
C LEU A 217 4.59 10.37 -1.56
N ALA A 218 4.63 11.74 -1.49
CA ALA A 218 5.21 12.45 -0.33
C ALA A 218 4.31 12.19 0.90
N ASP A 219 2.96 12.22 0.73
CA ASP A 219 2.02 11.92 1.82
C ASP A 219 2.29 10.51 2.37
N LEU A 220 2.63 9.55 1.46
CA LEU A 220 2.91 8.16 1.84
C LEU A 220 4.14 8.06 2.74
N ARG A 221 5.17 8.90 2.51
CA ARG A 221 6.37 8.90 3.38
C ARG A 221 6.00 9.26 4.81
N SER A 222 5.15 10.30 5.00
CA SER A 222 4.73 10.72 6.35
C SER A 222 3.95 9.62 7.04
N LEU A 223 3.02 8.99 6.32
CA LEU A 223 2.21 7.89 6.86
C LEU A 223 3.07 6.70 7.25
N ASN A 224 4.12 6.42 6.46
CA ASN A 224 5.07 5.36 6.70
C ASN A 224 5.79 5.60 8.03
N GLU A 225 6.28 6.85 8.25
CA GLU A 225 6.96 7.26 9.48
C GLU A 225 6.03 7.13 10.70
N GLU A 226 4.74 7.55 10.55
CA GLU A 226 3.79 7.46 11.63
C GLU A 226 3.48 5.98 11.94
N HIS A 227 3.30 5.17 10.88
CA HIS A 227 3.02 3.75 11.07
C HIS A 227 4.16 3.05 11.81
N SER A 228 5.41 3.35 11.43
CA SER A 228 6.62 2.77 12.03
C SER A 228 6.67 3.08 13.55
N LYS A 229 6.33 4.35 13.94
CA LYS A 229 6.30 4.77 15.35
C LYS A 229 5.24 3.95 16.12
N GLN A 230 4.07 3.78 15.50
CA GLN A 230 2.98 3.03 16.11
C GLN A 230 3.27 1.54 16.19
N TYR A 231 3.95 0.99 15.17
CA TYR A 231 4.34 -0.43 15.18
C TYR A 231 5.25 -0.68 16.39
N ARG A 232 6.22 0.24 16.60
CA ARG A 232 7.16 0.22 17.72
C ARG A 232 6.38 0.09 19.05
N CYS A 233 5.39 0.98 19.31
CA CYS A 233 4.58 0.92 20.56
C CYS A 233 3.89 -0.43 20.69
N LEU A 234 3.26 -0.86 19.59
CA LEU A 234 2.55 -2.12 19.53
C LEU A 234 3.47 -3.31 19.83
N SER A 235 4.73 -3.28 19.33
CA SER A 235 5.71 -4.35 19.54
C SER A 235 6.11 -4.51 21.02
N PHE A 236 5.89 -3.45 21.84
CA PHE A 236 6.19 -3.51 23.28
C PHE A 236 5.13 -4.26 24.05
N GLN A 237 3.95 -4.50 23.43
CA GLN A 237 2.86 -5.18 24.13
C GLN A 237 3.19 -6.67 24.33
N PRO A 238 3.26 -7.16 25.58
CA PRO A 238 3.62 -8.58 25.77
C PRO A 238 2.76 -9.53 24.93
N GLU A 239 3.39 -10.55 24.29
CA GLU A 239 2.79 -11.59 23.45
C GLU A 239 2.17 -11.06 22.12
N CYS A 240 2.50 -9.81 21.72
CA CYS A 240 2.00 -9.24 20.47
C CYS A 240 2.50 -10.02 19.24
N SER A 241 3.75 -10.53 19.28
CA SER A 241 4.32 -11.25 18.13
C SER A 241 3.50 -12.48 17.68
N MET A 242 2.77 -13.14 18.61
CA MET A 242 1.89 -14.28 18.32
C MET A 242 0.70 -13.86 17.46
N LYS A 243 0.30 -12.59 17.55
CA LYS A 243 -0.84 -12.04 16.83
C LYS A 243 -0.41 -11.52 15.46
N LEU A 244 0.90 -11.50 15.18
CA LEU A 244 1.44 -11.04 13.89
C LEU A 244 1.73 -12.27 12.99
N THR A 245 2.67 -12.13 12.04
CA THR A 245 3.11 -13.22 11.15
C THR A 245 4.62 -13.12 10.99
N PRO A 246 5.34 -14.20 10.59
CA PRO A 246 6.80 -14.04 10.35
C PRO A 246 7.11 -12.92 9.35
N LEU A 247 6.31 -12.82 8.26
CA LEU A 247 6.53 -11.78 7.24
C LEU A 247 6.35 -10.36 7.83
N VAL A 248 5.27 -10.12 8.61
CA VAL A 248 5.05 -8.81 9.24
C VAL A 248 6.23 -8.49 10.18
N LEU A 249 6.64 -9.50 10.99
CA LEU A 249 7.78 -9.32 11.92
C LEU A 249 9.07 -8.94 11.22
N GLU A 250 9.34 -9.52 10.03
CA GLU A 250 10.54 -9.15 9.31
C GLU A 250 10.41 -7.73 8.71
N VAL A 251 9.29 -7.45 8.02
CA VAL A 251 9.08 -6.18 7.32
C VAL A 251 9.09 -4.95 8.25
N PHE A 252 8.43 -5.06 9.40
CA PHE A 252 8.27 -3.96 10.34
C PHE A 252 9.17 -3.94 11.55
N GLY A 253 9.66 -5.11 11.95
CA GLY A 253 10.51 -5.27 13.12
C GLY A 253 11.98 -5.22 12.83
#